data_8ASF
#
_entry.id   8ASF
#
_cell.length_a   44.458
_cell.length_b   70.226
_cell.length_c   72.636
_cell.angle_alpha   62.750
_cell.angle_beta   76.560
_cell.angle_gamma   75.830
#
_symmetry.space_group_name_H-M   'P 1'
#
loop_
_entity.id
_entity.type
_entity.pdbx_description
1 polymer 'Thrombin light chain'
2 polymer 'Thrombin heavy chain'
3 non-polymer 5-chloranyl-~{N}-[[(9~{S},15~{R})-8,14,17-tris(oxidanylidene)-3,20-dithia-7,13,16-triazatetracyclo[20.2.2.1^{5,7}.1^{9,13}]octacosa-1(25),22(26),23-trien-15-yl]methyl]thiophene-2-carboxamide
4 water water
#
loop_
_entity_poly.entity_id
_entity_poly.type
_entity_poly.pdbx_seq_one_letter_code
_entity_poly.pdbx_strand_id
1 'polypeptide(L)' TFGSGEADCGLRPLFEKKSLEDKTERELLESYIDGR L,A
2 'polypeptide(L)'
;IVEGSDAEIGMSPWQVMLFRKSPQELLCGASLISDRWVLTAAHCLLYPPWDKNFTENDLLVRIGKHSRTRYERNIEKISM
LEKIYIHPRYNWRENLDRDIALMKLKKPVAFSDYIHPVCLPDRETAASLLQAGYKGRVTGWGNLKETWTANVGKGQPSVL
QVVNLPIVERPVCKDSTRIRITDNMFCAGYKPDEGKRGDACEGDSGGPFVMKSPFNNRWYQMGIVSWGEGCDRDGKYGFY
THVFRLKKWIQKVIDQFGE
;
H,B
#
loop_
_chem_comp.id
_chem_comp.type
_chem_comp.name
_chem_comp.formula
NWF non-polymer 5-chloranyl-~{N}-[[(9~{S},15~{R})-8,14,17-tris(oxidanylidene)-3,20-dithia-7,13,16-triazatetracyclo[20.2.2.1^{5,7}.1^{9,13}]octacosa-1(25),22(26),23-trien-15-yl]methyl]thiophene-2-carboxamide 'C29 H35 Cl N4 O4 S3'
#
# COMPACT_ATOMS: atom_id res chain seq x y z
N GLU A 6 7.72 -4.03 -5.51
CA GLU A 6 6.63 -4.89 -4.94
C GLU A 6 5.62 -5.25 -6.04
N ALA A 7 5.69 -4.52 -7.16
CA ALA A 7 4.92 -4.89 -8.34
C ALA A 7 5.46 -6.22 -8.87
N ASP A 8 6.73 -6.49 -8.56
CA ASP A 8 7.41 -7.59 -9.21
C ASP A 8 7.97 -8.55 -8.16
N CYS A 9 7.38 -8.54 -6.96
CA CYS A 9 7.88 -9.36 -5.87
C CYS A 9 7.69 -10.84 -6.19
N GLY A 10 8.63 -11.66 -5.71
CA GLY A 10 8.44 -13.10 -5.65
C GLY A 10 8.62 -13.79 -6.99
N LEU A 11 8.96 -13.00 -8.02
CA LEU A 11 9.35 -13.59 -9.30
C LEU A 11 10.88 -13.62 -9.36
N ARG A 12 11.44 -14.83 -9.42
CA ARG A 12 12.88 -14.98 -9.31
C ARG A 12 13.54 -14.77 -10.68
N PRO A 13 14.51 -13.83 -10.78
CA PRO A 13 15.27 -13.62 -12.02
C PRO A 13 15.76 -14.89 -12.71
N LEU A 14 16.33 -15.84 -11.96
CA LEU A 14 16.94 -16.96 -12.64
C LEU A 14 15.99 -18.14 -12.78
N PHE A 15 14.74 -18.01 -12.31
CA PHE A 15 13.78 -19.10 -12.40
C PHE A 15 12.53 -18.68 -13.17
N GLU A 16 11.61 -17.99 -12.49
CA GLU A 16 10.35 -17.58 -13.10
C GLU A 16 10.58 -16.61 -14.25
N LYS A 17 11.62 -15.78 -14.17
CA LYS A 17 11.82 -14.80 -15.23
C LYS A 17 12.37 -15.47 -16.49
N LYS A 18 12.95 -16.66 -16.35
CA LYS A 18 13.48 -17.39 -17.49
C LYS A 18 12.65 -18.65 -17.72
N SER A 19 11.49 -18.74 -17.07
CA SER A 19 10.62 -19.91 -17.19
C SER A 19 11.42 -21.18 -16.96
N LEU A 20 12.23 -21.22 -15.89
CA LEU A 20 12.87 -22.47 -15.48
C LEU A 20 12.29 -22.88 -14.14
N GLU A 21 12.02 -24.18 -14.00
CA GLU A 21 11.55 -24.77 -12.76
C GLU A 21 12.75 -25.06 -11.88
N ASP A 22 12.64 -24.83 -10.55
CA ASP A 22 13.71 -25.21 -9.65
C ASP A 22 13.63 -26.71 -9.36
N LYS A 23 14.52 -27.22 -8.52
CA LYS A 23 14.69 -28.66 -8.31
C LYS A 23 13.57 -29.26 -7.48
N THR A 24 12.93 -28.49 -6.58
CA THR A 24 11.98 -29.13 -5.66
C THR A 24 10.63 -28.42 -5.56
N GLU A 25 10.36 -27.40 -6.39
CA GLU A 25 9.17 -26.57 -6.23
C GLU A 25 7.90 -27.31 -6.63
N ARG A 26 8.03 -28.35 -7.48
CA ARG A 26 6.90 -29.19 -7.87
C ARG A 26 6.33 -29.92 -6.66
N GLU A 27 7.19 -30.13 -5.63
CA GLU A 27 6.82 -30.80 -4.39
C GLU A 27 5.75 -29.98 -3.66
N LEU A 28 5.92 -28.65 -3.71
CA LEU A 28 4.94 -27.74 -3.17
C LEU A 28 3.65 -27.90 -3.97
N LEU A 29 3.78 -27.74 -5.30
CA LEU A 29 2.70 -27.90 -6.26
C LEU A 29 1.89 -29.16 -5.95
N GLU A 30 2.56 -30.30 -5.97
CA GLU A 30 1.89 -31.58 -5.83
C GLU A 30 1.21 -31.71 -4.46
N SER A 31 1.61 -30.85 -3.50
CA SER A 31 0.99 -30.89 -2.19
C SER A 31 -0.26 -30.00 -2.12
N TYR A 32 -0.69 -29.43 -3.25
CA TYR A 32 -1.96 -28.71 -3.30
C TYR A 32 -3.10 -29.61 -3.80
N ILE A 33 -2.75 -30.78 -4.35
CA ILE A 33 -3.69 -31.86 -4.63
C ILE A 33 -3.30 -33.09 -3.79
N ILE B 1 19.41 -25.91 8.65
CA ILE B 1 18.35 -26.79 8.10
C ILE B 1 18.74 -28.27 8.28
N VAL B 2 17.78 -29.08 8.73
CA VAL B 2 18.08 -30.49 8.95
C VAL B 2 17.44 -31.29 7.82
N GLU B 3 18.22 -32.15 7.16
CA GLU B 3 17.71 -33.00 6.10
C GLU B 3 17.35 -32.21 4.85
N GLY B 4 17.93 -31.01 4.70
CA GLY B 4 17.65 -30.21 3.52
C GLY B 4 18.64 -30.51 2.39
N SER B 5 18.72 -29.60 1.42
CA SER B 5 19.71 -29.73 0.38
C SER B 5 20.26 -28.33 0.07
N ASP B 6 21.37 -28.27 -0.68
CA ASP B 6 21.92 -26.99 -1.08
C ASP B 6 20.92 -26.26 -1.96
N ALA B 7 20.84 -24.94 -1.78
CA ALA B 7 20.05 -24.12 -2.67
C ALA B 7 20.76 -24.09 -4.02
N GLU B 8 19.99 -24.08 -5.13
CA GLU B 8 20.56 -23.71 -6.42
C GLU B 8 20.88 -22.22 -6.40
N ILE B 9 21.84 -21.78 -7.21
CA ILE B 9 22.11 -20.35 -7.16
C ILE B 9 20.82 -19.64 -7.59
N GLY B 10 20.38 -18.66 -6.78
CA GLY B 10 19.30 -17.75 -7.13
C GLY B 10 17.93 -18.23 -6.69
N MET B 11 17.90 -19.40 -6.05
CA MET B 11 16.67 -20.09 -5.67
C MET B 11 15.90 -19.29 -4.61
N SER B 12 16.60 -18.46 -3.84
CA SER B 12 15.99 -17.80 -2.70
C SER B 12 16.60 -16.41 -2.59
N PRO B 13 16.33 -15.54 -3.57
CA PRO B 13 16.99 -14.25 -3.63
C PRO B 13 16.48 -13.21 -2.65
N TRP B 14 15.57 -13.58 -1.74
CA TRP B 14 15.11 -12.72 -0.66
C TRP B 14 15.77 -13.17 0.64
N GLN B 15 16.64 -14.18 0.56
CA GLN B 15 17.34 -14.67 1.74
C GLN B 15 18.32 -13.60 2.24
N VAL B 16 18.25 -13.32 3.55
CA VAL B 16 19.10 -12.31 4.17
C VAL B 16 19.82 -12.92 5.37
N MET B 17 21.06 -12.44 5.59
CA MET B 17 21.94 -12.82 6.68
C MET B 17 22.04 -11.65 7.64
N LEU B 18 21.89 -11.93 8.93
CA LEU B 18 21.99 -10.90 9.96
C LEU B 18 23.25 -11.15 10.79
N PHE B 19 24.16 -10.18 10.77
CA PHE B 19 25.43 -10.27 11.46
C PHE B 19 25.46 -9.27 12.60
N ARG B 20 26.07 -9.70 13.72
CA ARG B 20 26.64 -8.77 14.68
C ARG B 20 27.96 -8.28 14.10
N LYS B 21 28.21 -6.98 14.25
CA LYS B 21 29.42 -6.34 13.74
C LYS B 21 30.64 -6.82 14.52
N SER B 22 30.61 -6.66 15.85
CA SER B 22 31.78 -6.88 16.68
C SER B 22 31.40 -7.61 17.96
N PRO B 23 31.86 -8.86 18.17
CA PRO B 23 32.61 -9.62 17.16
C PRO B 23 31.76 -10.10 15.98
N GLN B 24 32.29 -9.92 14.76
CA GLN B 24 31.56 -10.31 13.57
C GLN B 24 31.12 -11.77 13.67
N GLU B 25 29.80 -11.98 13.62
CA GLU B 25 29.13 -13.23 13.95
C GLU B 25 27.76 -13.28 13.30
N LEU B 26 27.38 -14.45 12.75
CA LEU B 26 26.08 -14.67 12.11
C LEU B 26 25.02 -15.02 13.14
N LEU B 27 23.99 -14.16 13.29
CA LEU B 27 23.02 -14.32 14.35
C LEU B 27 21.83 -15.17 13.92
N CYS B 28 21.29 -14.87 12.74
CA CYS B 28 19.96 -15.31 12.34
C CYS B 28 19.83 -15.18 10.82
N GLY B 29 18.67 -15.62 10.31
CA GLY B 29 18.22 -15.37 8.95
C GLY B 29 17.16 -14.28 8.93
N ALA B 30 16.70 -13.97 7.73
CA ALA B 30 15.78 -12.86 7.54
C ALA B 30 15.50 -12.75 6.05
N SER B 31 14.55 -11.90 5.70
CA SER B 31 14.06 -11.91 4.33
C SER B 31 13.87 -10.50 3.81
N LEU B 32 14.10 -10.31 2.50
CA LEU B 32 13.94 -9.00 1.88
C LEU B 32 12.51 -8.86 1.41
N ILE B 33 11.85 -7.80 1.84
CA ILE B 33 10.46 -7.69 1.47
C ILE B 33 10.24 -6.45 0.60
N SER B 34 11.18 -5.50 0.66
CA SER B 34 11.27 -4.39 -0.28
C SER B 34 12.76 -4.08 -0.48
N ASP B 35 13.05 -2.87 -0.97
CA ASP B 35 14.43 -2.50 -1.27
C ASP B 35 15.06 -1.79 -0.07
N ARG B 36 14.28 -1.63 1.01
CA ARG B 36 14.73 -0.95 2.22
C ARG B 36 14.29 -1.71 3.47
N TRP B 37 13.48 -2.76 3.28
CA TRP B 37 12.84 -3.43 4.39
C TRP B 37 13.16 -4.92 4.39
N VAL B 38 13.53 -5.38 5.59
CA VAL B 38 13.95 -6.73 5.87
C VAL B 38 13.15 -7.20 7.07
N LEU B 39 12.64 -8.43 6.97
CA LEU B 39 11.77 -9.03 7.96
C LEU B 39 12.56 -10.14 8.66
N THR B 40 12.55 -10.15 10.00
CA THR B 40 13.18 -11.20 10.79
C THR B 40 12.26 -11.51 11.98
N ALA B 41 12.77 -12.33 12.91
CA ALA B 41 12.11 -12.62 14.17
C ALA B 41 12.63 -11.65 15.24
N ALA B 42 11.72 -11.17 16.10
CA ALA B 42 12.08 -10.35 17.25
C ALA B 42 13.17 -10.99 18.11
N HIS B 43 13.04 -12.28 18.46
CA HIS B 43 13.98 -12.91 19.38
C HIS B 43 15.40 -12.91 18.82
N CYS B 44 15.51 -12.69 17.52
CA CYS B 44 16.81 -12.54 16.90
C CYS B 44 17.46 -11.26 17.39
N LEU B 45 16.64 -10.27 17.74
CA LEU B 45 17.16 -8.95 18.05
C LEU B 45 17.03 -8.66 19.54
N LEU B 46 16.02 -9.26 20.18
CA LEU B 46 15.75 -8.96 21.58
C LEU B 46 15.48 -10.24 22.33
N TYR B 47 16.44 -10.66 23.16
CA TYR B 47 16.25 -11.75 24.10
C TYR B 47 17.11 -11.54 25.34
N PRO B 48 16.68 -10.71 26.32
CA PRO B 48 17.50 -10.41 27.50
C PRO B 48 18.24 -11.56 28.19
N PRO B 49 17.58 -12.72 28.46
CA PRO B 49 18.27 -13.84 29.11
C PRO B 49 19.52 -14.34 28.41
N TRP B 50 19.62 -14.13 27.08
CA TRP B 50 20.79 -14.54 26.32
C TRP B 50 21.63 -13.33 25.94
N ASP B 51 21.52 -12.25 26.74
CA ASP B 51 22.21 -10.99 26.49
C ASP B 51 22.03 -10.52 25.05
N LYS B 52 20.78 -10.47 24.57
CA LYS B 52 20.51 -9.99 23.23
C LYS B 52 19.48 -8.85 23.30
N ASN B 53 19.97 -7.61 23.17
CA ASN B 53 19.16 -6.40 23.07
C ASN B 53 19.91 -5.43 22.15
N PHE B 54 19.78 -5.63 20.83
CA PHE B 54 20.59 -4.95 19.84
C PHE B 54 20.00 -3.59 19.41
N THR B 55 20.89 -2.68 18.98
CA THR B 55 20.51 -1.47 18.26
C THR B 55 21.09 -1.55 16.84
N GLU B 56 20.60 -0.64 15.98
CA GLU B 56 20.93 -0.60 14.57
C GLU B 56 22.45 -0.65 14.37
N ASN B 57 23.19 0.00 15.28
CA ASN B 57 24.63 0.21 15.16
C ASN B 57 25.37 -1.10 15.42
N ASP B 58 24.69 -2.05 16.07
CA ASP B 58 25.29 -3.31 16.49
C ASP B 58 25.35 -4.28 15.34
N LEU B 59 24.43 -4.15 14.38
CA LEU B 59 24.20 -5.17 13.37
C LEU B 59 24.42 -4.62 11.98
N LEU B 60 24.59 -5.55 11.05
CA LEU B 60 24.45 -5.30 9.62
C LEU B 60 23.80 -6.53 8.99
N VAL B 61 23.41 -6.41 7.71
CA VAL B 61 22.80 -7.53 7.00
C VAL B 61 23.60 -7.78 5.73
N ARG B 62 23.67 -9.05 5.32
CA ARG B 62 24.25 -9.40 4.05
C ARG B 62 23.20 -10.09 3.20
N ILE B 63 23.18 -9.73 1.92
CA ILE B 63 22.08 -10.05 1.03
C ILE B 63 22.69 -10.50 -0.28
N GLY B 64 22.04 -11.49 -0.90
CA GLY B 64 22.47 -11.99 -2.19
C GLY B 64 23.41 -13.18 -2.04
N LYS B 65 23.55 -13.70 -0.82
CA LYS B 65 24.59 -14.66 -0.51
C LYS B 65 24.19 -16.10 -0.81
N HIS B 66 25.20 -16.95 -0.89
CA HIS B 66 25.02 -18.37 -1.12
C HIS B 66 25.86 -19.14 -0.11
N SER B 67 27.17 -18.83 -0.03
CA SER B 67 28.11 -19.43 0.91
C SER B 67 28.03 -18.73 2.26
N ARG B 68 28.09 -19.53 3.34
CA ARG B 68 28.06 -19.00 4.70
C ARG B 68 29.30 -18.16 5.02
N THR B 69 30.49 -18.60 4.58
CA THR B 69 31.73 -17.99 5.04
C THR B 69 32.37 -17.13 3.96
N ARG B 70 32.57 -17.73 2.77
CA ARG B 70 33.23 -17.09 1.64
C ARG B 70 32.45 -15.84 1.20
N TYR B 71 33.16 -14.71 1.09
CA TYR B 71 32.66 -13.47 0.50
C TYR B 71 32.41 -13.67 -1.00
N GLU B 72 31.49 -12.86 -1.55
CA GLU B 72 31.05 -13.02 -2.95
C GLU B 72 31.01 -11.65 -3.64
N ARG B 73 32.13 -11.28 -4.28
CA ARG B 73 32.31 -9.97 -4.90
C ARG B 73 31.29 -9.79 -6.04
N ASN B 74 30.55 -8.67 -6.01
CA ASN B 74 29.58 -8.22 -7.00
C ASN B 74 28.24 -8.98 -6.93
N ILE B 75 28.20 -10.01 -6.10
CA ILE B 75 26.95 -10.68 -5.80
C ILE B 75 26.42 -10.05 -4.51
N GLU B 76 27.13 -10.32 -3.42
CA GLU B 76 26.77 -9.98 -2.05
C GLU B 76 26.72 -8.46 -1.87
N LYS B 77 25.76 -8.00 -1.07
CA LYS B 77 25.69 -6.61 -0.66
C LYS B 77 25.51 -6.58 0.84
N ILE B 78 26.34 -5.78 1.49
CA ILE B 78 26.23 -5.53 2.91
C ILE B 78 25.42 -4.24 3.11
N SER B 79 24.54 -4.23 4.12
CA SER B 79 23.73 -3.05 4.41
C SER B 79 23.75 -2.73 5.91
N MET B 80 23.78 -1.43 6.21
CA MET B 80 23.61 -0.89 7.56
C MET B 80 22.11 -0.71 7.82
N LEU B 81 21.74 -0.60 9.10
CA LEU B 81 20.35 -0.52 9.50
C LEU B 81 20.04 0.88 10.03
N GLU B 82 18.95 1.47 9.55
CA GLU B 82 18.53 2.78 10.00
C GLU B 82 17.74 2.69 11.31
N LYS B 83 16.95 1.61 11.47
CA LYS B 83 16.05 1.50 12.60
C LYS B 83 15.49 0.07 12.69
N ILE B 84 15.45 -0.46 13.90
CA ILE B 84 14.86 -1.78 14.18
C ILE B 84 13.44 -1.53 14.69
N TYR B 85 12.50 -2.39 14.34
CA TYR B 85 11.18 -2.30 14.94
C TYR B 85 10.71 -3.68 15.38
N ILE B 86 10.43 -3.79 16.68
CA ILE B 86 9.92 -5.02 17.26
C ILE B 86 8.44 -4.82 17.57
N HIS B 87 7.62 -5.84 17.26
CA HIS B 87 6.21 -5.81 17.59
C HIS B 87 6.06 -5.38 19.04
N PRO B 88 5.12 -4.47 19.37
CA PRO B 88 4.94 -4.04 20.77
C PRO B 88 4.51 -5.15 21.71
N ARG B 89 3.83 -6.18 21.17
CA ARG B 89 3.19 -7.23 21.95
C ARG B 89 3.93 -8.55 21.81
N TYR B 90 5.24 -8.47 21.52
CA TYR B 90 6.13 -9.62 21.41
C TYR B 90 6.38 -10.21 22.80
N ASN B 91 6.13 -11.52 22.89
CA ASN B 91 6.30 -12.22 24.14
C ASN B 91 7.54 -13.09 24.08
N TRP B 92 8.47 -12.88 25.03
CA TRP B 92 9.67 -13.69 25.12
C TRP B 92 9.80 -14.42 26.46
N ARG B 93 8.89 -14.17 27.41
CA ARG B 93 9.07 -14.80 28.69
C ARG B 93 8.43 -16.18 28.69
N GLU B 94 7.65 -16.50 27.65
CA GLU B 94 6.74 -17.62 27.72
C GLU B 94 6.75 -18.46 26.45
N ASN B 95 6.42 -17.85 25.30
CA ASN B 95 5.87 -18.64 24.20
C ASN B 95 6.24 -18.08 22.83
N LEU B 96 6.92 -16.94 22.79
CA LEU B 96 7.39 -16.34 21.54
C LEU B 96 6.22 -15.87 20.66
N ASP B 97 5.13 -15.42 21.30
CA ASP B 97 4.02 -14.85 20.57
C ASP B 97 4.48 -13.58 19.85
N ARG B 98 4.03 -13.42 18.61
CA ARG B 98 4.33 -12.19 17.83
C ARG B 98 5.84 -12.03 17.69
N ASP B 99 6.54 -13.14 17.50
CA ASP B 99 8.01 -13.09 17.27
C ASP B 99 8.25 -12.47 15.90
N ILE B 100 8.13 -11.15 15.81
CA ILE B 100 8.26 -10.46 14.51
C ILE B 100 9.00 -9.13 14.68
N ALA B 101 9.99 -8.89 13.82
CA ALA B 101 10.66 -7.61 13.81
C ALA B 101 10.89 -7.16 12.37
N LEU B 102 10.95 -5.84 12.21
CA LEU B 102 11.28 -5.22 10.93
C LEU B 102 12.57 -4.40 11.06
N MET B 103 13.34 -4.38 9.98
CA MET B 103 14.54 -3.58 9.94
C MET B 103 14.53 -2.74 8.67
N LYS B 104 14.81 -1.43 8.83
CA LYS B 104 14.96 -0.52 7.71
C LYS B 104 16.45 -0.37 7.39
N LEU B 105 16.80 -0.65 6.13
CA LEU B 105 18.16 -0.45 5.66
C LEU B 105 18.40 1.05 5.52
N LYS B 106 19.66 1.47 5.72
CA LYS B 106 20.03 2.88 5.59
C LYS B 106 20.04 3.32 4.13
N LYS B 107 20.13 2.34 3.22
CA LYS B 107 20.10 2.62 1.79
C LYS B 107 19.31 1.53 1.09
N PRO B 108 18.55 1.88 0.03
CA PRO B 108 17.98 0.89 -0.88
C PRO B 108 19.06 -0.05 -1.41
N VAL B 109 18.74 -1.34 -1.47
CA VAL B 109 19.65 -2.32 -2.04
C VAL B 109 19.25 -2.52 -3.50
N ALA B 110 20.25 -2.64 -4.38
CA ALA B 110 20.00 -2.82 -5.80
C ALA B 110 19.59 -4.26 -6.09
N PHE B 111 18.61 -4.44 -6.98
CA PHE B 111 18.18 -5.78 -7.30
C PHE B 111 19.09 -6.37 -8.39
N SER B 112 19.17 -7.70 -8.44
CA SER B 112 20.00 -8.45 -9.37
C SER B 112 19.41 -9.84 -9.52
N ASP B 113 20.15 -10.73 -10.17
CA ASP B 113 19.81 -12.14 -10.23
C ASP B 113 19.85 -12.77 -8.84
N TYR B 114 20.57 -12.14 -7.90
CA TYR B 114 20.81 -12.76 -6.60
C TYR B 114 20.00 -12.06 -5.51
N ILE B 115 19.46 -10.88 -5.82
CA ILE B 115 18.75 -10.06 -4.86
C ILE B 115 17.37 -9.70 -5.44
N HIS B 116 16.33 -9.98 -4.65
CA HIS B 116 14.96 -9.84 -5.09
C HIS B 116 14.01 -10.06 -3.93
N PRO B 117 13.03 -9.17 -3.72
CA PRO B 117 12.07 -9.31 -2.63
C PRO B 117 11.09 -10.45 -2.86
N VAL B 118 10.46 -10.85 -1.76
CA VAL B 118 9.37 -11.81 -1.76
C VAL B 118 8.09 -11.06 -1.41
N CYS B 119 6.95 -11.65 -1.78
CA CYS B 119 5.65 -11.03 -1.59
C CYS B 119 5.15 -11.34 -0.19
N LEU B 120 4.46 -10.37 0.42
CA LEU B 120 3.67 -10.62 1.61
C LEU B 120 2.30 -11.08 1.17
N PRO B 121 1.65 -12.04 1.88
CA PRO B 121 0.32 -12.53 1.48
C PRO B 121 -0.82 -11.57 1.83
N ASP B 122 -1.97 -11.79 1.19
CA ASP B 122 -3.23 -11.10 1.45
C ASP B 122 -4.25 -12.15 1.92
N ARG B 123 -5.50 -11.74 2.14
CA ARG B 123 -6.53 -12.69 2.64
C ARG B 123 -6.66 -13.88 1.68
N GLU B 124 -6.70 -13.63 0.36
CA GLU B 124 -6.94 -14.70 -0.58
C GLU B 124 -5.82 -15.74 -0.50
N THR B 125 -4.58 -15.26 -0.54
CA THR B 125 -3.40 -16.10 -0.57
C THR B 125 -3.30 -16.88 0.74
N ALA B 126 -3.48 -16.17 1.87
CA ALA B 126 -3.41 -16.79 3.19
C ALA B 126 -4.45 -17.90 3.35
N ALA B 127 -5.68 -17.66 2.86
CA ALA B 127 -6.78 -18.60 2.95
C ALA B 127 -6.52 -19.81 2.06
N SER B 128 -5.95 -19.56 0.86
CA SER B 128 -5.63 -20.56 -0.16
C SER B 128 -4.47 -21.46 0.28
N LEU B 129 -3.40 -20.86 0.84
CA LEU B 129 -2.14 -21.57 0.98
C LEU B 129 -1.90 -22.09 2.41
N LEU B 130 -2.51 -21.46 3.42
CA LEU B 130 -2.23 -21.88 4.78
C LEU B 130 -3.12 -23.06 5.18
N GLN B 131 -3.02 -24.16 4.42
CA GLN B 131 -3.83 -25.32 4.73
C GLN B 131 -2.92 -26.48 5.14
N ALA B 132 -3.44 -27.30 6.05
CA ALA B 132 -2.67 -28.41 6.58
C ALA B 132 -2.36 -29.39 5.45
N GLY B 133 -1.12 -29.91 5.42
CA GLY B 133 -0.79 -30.87 4.39
C GLY B 133 -0.08 -30.19 3.23
N TYR B 134 -0.41 -28.91 3.00
CA TYR B 134 0.26 -28.06 2.05
C TYR B 134 1.71 -27.84 2.50
N LYS B 135 2.62 -27.86 1.54
CA LYS B 135 4.04 -27.72 1.83
C LYS B 135 4.52 -26.31 1.51
N GLY B 136 5.39 -25.80 2.38
CA GLY B 136 6.15 -24.58 2.14
C GLY B 136 7.64 -24.86 2.24
N ARG B 137 8.44 -23.81 2.03
CA ARG B 137 9.89 -23.98 1.91
C ARG B 137 10.60 -23.10 2.93
N VAL B 138 11.57 -23.71 3.63
CA VAL B 138 12.35 -23.03 4.66
C VAL B 138 13.81 -23.12 4.25
N THR B 139 14.54 -22.00 4.41
CA THR B 139 15.93 -21.87 3.99
C THR B 139 16.75 -21.22 5.11
N GLY B 140 18.07 -21.45 5.07
CA GLY B 140 18.93 -20.85 6.08
C GLY B 140 20.28 -21.52 6.18
N TRP B 141 21.18 -20.82 6.88
CA TRP B 141 22.54 -21.24 7.12
C TRP B 141 22.65 -21.83 8.53
N GLY B 142 21.51 -22.18 9.12
CA GLY B 142 21.48 -22.80 10.44
C GLY B 142 22.17 -24.18 10.43
N ASN B 143 22.31 -24.77 11.61
CA ASN B 143 22.94 -26.07 11.79
C ASN B 143 22.27 -27.13 10.93
N LEU B 144 23.03 -28.18 10.61
CA LEU B 144 22.53 -29.31 9.84
C LEU B 144 21.97 -30.41 10.74
N LYS B 145 22.09 -30.23 12.06
CA LYS B 145 21.73 -31.25 13.03
C LYS B 145 21.71 -30.62 14.41
N GLU B 146 21.06 -31.30 15.35
CA GLU B 146 20.84 -30.75 16.69
C GLU B 146 22.14 -30.71 17.50
N THR B 147 22.97 -31.78 17.43
CA THR B 147 24.33 -31.73 17.96
C THR B 147 25.30 -32.55 17.08
N GLY B 155 28.52 -30.02 11.12
CA GLY B 155 28.53 -28.69 11.76
C GLY B 155 27.56 -27.72 11.08
N GLN B 156 28.02 -26.51 10.78
CA GLN B 156 27.21 -25.58 10.00
C GLN B 156 27.45 -25.85 8.52
N PRO B 157 26.46 -25.57 7.64
CA PRO B 157 26.62 -25.84 6.21
C PRO B 157 27.55 -24.85 5.51
N SER B 158 28.13 -25.30 4.41
CA SER B 158 28.99 -24.45 3.58
C SER B 158 28.16 -23.53 2.70
N VAL B 159 27.02 -24.03 2.21
CA VAL B 159 26.12 -23.23 1.38
C VAL B 159 24.68 -23.29 1.90
N LEU B 160 23.87 -22.33 1.43
CA LEU B 160 22.50 -22.15 1.89
C LEU B 160 21.71 -23.45 1.75
N GLN B 161 20.97 -23.78 2.81
CA GLN B 161 20.20 -25.01 2.79
C GLN B 161 18.74 -24.70 2.48
N VAL B 162 18.02 -25.69 1.96
CA VAL B 162 16.61 -25.56 1.64
C VAL B 162 15.90 -26.87 1.95
N VAL B 163 14.67 -26.79 2.48
CA VAL B 163 13.84 -27.94 2.79
C VAL B 163 12.38 -27.54 2.65
N ASN B 164 11.56 -28.48 2.20
CA ASN B 164 10.12 -28.30 2.04
C ASN B 164 9.42 -29.09 3.15
N LEU B 165 8.40 -28.48 3.78
CA LEU B 165 7.73 -29.07 4.93
C LEU B 165 6.23 -28.82 4.92
N PRO B 166 5.43 -29.85 5.28
CA PRO B 166 3.98 -29.67 5.31
C PRO B 166 3.50 -28.90 6.56
N ILE B 167 2.56 -27.99 6.34
CA ILE B 167 1.89 -27.33 7.43
C ILE B 167 1.09 -28.39 8.19
N VAL B 168 1.04 -28.26 9.52
CA VAL B 168 0.39 -29.25 10.37
C VAL B 168 -0.97 -28.72 10.85
N GLU B 169 -1.90 -29.63 11.19
CA GLU B 169 -3.18 -29.26 11.81
C GLU B 169 -2.90 -28.69 13.19
N ARG B 170 -3.64 -27.63 13.56
CA ARG B 170 -3.48 -26.98 14.85
C ARG B 170 -3.50 -27.97 16.02
N PRO B 171 -4.51 -28.86 16.16
CA PRO B 171 -4.51 -29.84 17.24
C PRO B 171 -3.21 -30.64 17.40
N VAL B 172 -2.55 -30.94 16.28
CA VAL B 172 -1.34 -31.75 16.36
C VAL B 172 -0.19 -30.89 16.86
N CYS B 173 -0.12 -29.64 16.37
CA CYS B 173 0.77 -28.61 16.91
C CYS B 173 0.56 -28.49 18.42
N LYS B 174 -0.67 -28.15 18.83
CA LYS B 174 -1.04 -27.89 20.21
C LYS B 174 -0.55 -29.03 21.11
N ASP B 175 -0.59 -30.26 20.61
CA ASP B 175 -0.33 -31.43 21.43
C ASP B 175 1.15 -31.81 21.40
N SER B 176 1.91 -31.19 20.50
CA SER B 176 3.32 -31.53 20.35
C SER B 176 4.14 -30.88 21.46
N THR B 177 3.61 -29.80 22.03
CA THR B 177 4.39 -29.03 23.03
C THR B 177 3.53 -28.67 24.23
N ARG B 178 4.18 -28.26 25.31
CA ARG B 178 3.45 -27.79 26.50
C ARG B 178 3.56 -26.27 26.51
N ILE B 179 4.13 -25.72 25.44
CA ILE B 179 4.20 -24.24 25.31
C ILE B 179 2.83 -23.74 24.90
N ARG B 180 2.36 -22.66 25.53
CA ARG B 180 1.06 -22.06 25.18
C ARG B 180 1.32 -21.63 23.74
N ILE B 181 0.62 -22.25 22.78
CA ILE B 181 0.78 -21.92 21.34
C ILE B 181 -0.33 -20.89 21.10
N THR B 182 -0.09 -19.94 20.20
CA THR B 182 -1.09 -18.88 19.90
C THR B 182 -1.47 -18.90 18.43
N ASP B 183 -2.55 -18.21 18.07
CA ASP B 183 -3.02 -18.15 16.70
C ASP B 183 -2.09 -17.29 15.84
N ASN B 184 -1.01 -16.76 16.43
CA ASN B 184 -0.08 -15.95 15.67
C ASN B 184 1.14 -16.76 15.26
N MET B 185 1.05 -18.08 15.42
CA MET B 185 2.06 -19.01 14.96
C MET B 185 1.35 -20.25 14.42
N PHE B 186 2.02 -20.95 13.49
CA PHE B 186 1.60 -22.25 13.03
C PHE B 186 2.83 -23.15 13.06
N CYS B 187 2.61 -24.46 13.01
CA CYS B 187 3.73 -25.38 12.98
C CYS B 187 3.78 -26.17 11.66
N ALA B 188 4.99 -26.46 11.18
CA ALA B 188 5.15 -27.31 10.02
C ALA B 188 6.13 -28.44 10.31
N GLY B 189 6.12 -29.48 9.46
CA GLY B 189 7.03 -30.61 9.59
C GLY B 189 6.29 -31.94 9.41
N TYR B 190 7.05 -33.03 9.28
CA TYR B 190 6.42 -34.32 9.02
C TYR B 190 6.02 -35.01 10.32
N LYS B 191 4.89 -35.73 10.29
CA LYS B 191 4.48 -36.60 11.38
C LYS B 191 5.37 -37.85 11.39
N PRO B 192 5.59 -38.52 12.54
CA PRO B 192 6.55 -39.63 12.60
C PRO B 192 6.26 -40.76 11.60
N ASP B 193 4.97 -40.97 11.31
CA ASP B 193 4.56 -42.08 10.46
C ASP B 193 4.75 -41.79 8.97
N GLU B 194 5.06 -40.52 8.62
CA GLU B 194 5.07 -40.11 7.22
C GLU B 194 6.41 -40.45 6.57
N GLY B 195 7.36 -40.91 7.39
CA GLY B 195 8.65 -41.36 6.87
C GLY B 195 9.67 -40.24 6.61
N LYS B 196 9.26 -39.19 5.88
CA LYS B 196 10.18 -38.13 5.50
C LYS B 196 10.54 -37.29 6.72
N ARG B 197 11.75 -36.69 6.70
CA ARG B 197 12.27 -35.88 7.79
C ARG B 197 12.57 -34.45 7.34
N GLY B 198 12.98 -33.61 8.31
CA GLY B 198 13.49 -32.27 8.04
C GLY B 198 12.81 -31.19 8.88
N ASP B 199 13.56 -30.11 9.12
CA ASP B 199 13.20 -29.07 10.08
C ASP B 199 14.20 -27.92 9.92
N ALA B 200 13.95 -26.84 10.64
CA ALA B 200 14.96 -25.79 10.73
C ALA B 200 15.75 -26.11 12.01
N CYS B 201 16.87 -25.45 12.23
CA CYS B 201 17.67 -25.67 13.45
C CYS B 201 18.34 -24.35 13.86
N GLU B 202 19.24 -24.42 14.83
CA GLU B 202 19.91 -23.21 15.37
C GLU B 202 20.58 -22.42 14.26
N GLY B 203 20.15 -21.18 14.07
CA GLY B 203 20.73 -20.33 13.02
C GLY B 203 19.74 -20.03 11.93
N ASP B 204 18.67 -20.82 11.88
CA ASP B 204 17.66 -20.65 10.82
C ASP B 204 16.66 -19.58 11.29
N SER B 205 16.62 -19.32 12.59
CA SER B 205 15.68 -18.35 13.15
C SER B 205 15.65 -17.08 12.32
N GLY B 206 14.42 -16.59 12.06
CA GLY B 206 14.23 -15.29 11.45
C GLY B 206 14.13 -15.39 9.93
N GLY B 207 14.57 -16.53 9.40
CA GLY B 207 14.47 -16.75 7.96
C GLY B 207 13.04 -16.96 7.49
N PRO B 208 12.81 -17.06 6.16
CA PRO B 208 11.46 -17.19 5.63
C PRO B 208 10.93 -18.61 5.46
N PHE B 209 9.61 -18.72 5.67
CA PHE B 209 8.80 -19.84 5.24
C PHE B 209 7.94 -19.39 4.05
N VAL B 210 8.34 -19.80 2.85
CA VAL B 210 7.72 -19.32 1.62
C VAL B 210 6.86 -20.41 0.96
N MET B 211 5.80 -19.95 0.29
CA MET B 211 5.02 -20.83 -0.58
C MET B 211 4.86 -20.16 -1.95
N LYS B 212 4.72 -20.98 -2.99
CA LYS B 212 4.55 -20.46 -4.33
C LYS B 212 3.10 -20.63 -4.73
N SER B 213 2.48 -19.54 -5.20
CA SER B 213 1.05 -19.47 -5.50
C SER B 213 0.77 -20.11 -6.87
N PRO B 214 -0.13 -21.11 -6.95
CA PRO B 214 -0.52 -21.70 -8.24
C PRO B 214 -1.37 -20.74 -9.09
N PHE B 215 -1.88 -19.67 -8.47
CA PHE B 215 -2.72 -18.69 -9.13
C PHE B 215 -1.88 -17.76 -9.99
N ASN B 216 -0.73 -17.31 -9.48
CA ASN B 216 0.01 -16.20 -10.08
C ASN B 216 1.50 -16.49 -10.19
N ASN B 217 1.94 -17.67 -9.73
CA ASN B 217 3.31 -18.13 -9.96
C ASN B 217 4.31 -17.41 -9.05
N ARG B 218 3.84 -16.67 -8.02
CA ARG B 218 4.74 -15.86 -7.19
C ARG B 218 5.08 -16.57 -5.87
N TRP B 219 6.16 -16.12 -5.24
CA TRP B 219 6.56 -16.63 -3.94
C TRP B 219 6.01 -15.73 -2.85
N TYR B 220 5.43 -16.33 -1.80
CA TYR B 220 4.87 -15.53 -0.72
C TYR B 220 5.46 -16.00 0.60
N GLN B 221 5.82 -15.04 1.46
CA GLN B 221 6.33 -15.43 2.76
C GLN B 221 5.19 -15.67 3.73
N MET B 222 4.90 -16.93 4.02
CA MET B 222 3.81 -17.19 4.96
C MET B 222 4.31 -17.18 6.42
N GLY B 223 5.57 -17.52 6.63
CA GLY B 223 6.01 -17.64 8.00
C GLY B 223 7.43 -17.14 8.20
N ILE B 224 7.78 -16.97 9.48
CA ILE B 224 9.12 -16.67 9.92
C ILE B 224 9.50 -17.79 10.88
N VAL B 225 10.65 -18.44 10.63
CA VAL B 225 11.13 -19.50 11.52
C VAL B 225 11.34 -18.88 12.90
N SER B 226 10.69 -19.47 13.92
CA SER B 226 10.58 -18.88 15.25
C SER B 226 11.19 -19.81 16.30
N TRP B 227 10.70 -21.06 16.42
CA TRP B 227 11.24 -21.93 17.47
C TRP B 227 10.85 -23.38 17.23
N GLY B 228 11.70 -24.28 17.75
CA GLY B 228 11.42 -25.69 17.93
C GLY B 228 12.09 -26.23 19.19
N GLU B 229 11.56 -27.33 19.73
CA GLU B 229 12.10 -27.95 20.94
C GLU B 229 13.02 -29.09 20.49
N GLY B 230 14.64 -28.52 20.21
CA GLY B 230 15.44 -29.42 19.36
C GLY B 230 15.12 -29.20 17.89
N CYS B 231 15.65 -30.09 17.05
CA CYS B 231 15.49 -30.04 15.59
C CYS B 231 15.19 -31.45 15.10
N ASP B 232 14.11 -31.58 14.32
CA ASP B 232 13.85 -32.79 13.55
C ASP B 232 13.60 -33.97 14.49
N ARG B 233 13.01 -33.71 15.66
CA ARG B 233 12.62 -34.78 16.54
C ARG B 233 11.23 -35.32 16.15
N ASP B 234 11.07 -36.64 16.36
CA ASP B 234 9.82 -37.33 16.16
C ASP B 234 8.79 -36.72 17.10
N GLY B 235 7.61 -36.42 16.56
CA GLY B 235 6.49 -35.96 17.37
C GLY B 235 6.62 -34.48 17.70
N LYS B 236 7.76 -33.90 17.33
CA LYS B 236 7.97 -32.46 17.45
C LYS B 236 7.89 -31.80 16.07
N TYR B 237 7.57 -30.51 16.10
CA TYR B 237 7.28 -29.73 14.91
C TYR B 237 7.92 -28.36 15.04
N GLY B 238 8.11 -27.68 13.91
CA GLY B 238 8.70 -26.35 13.88
C GLY B 238 7.62 -25.28 14.02
N PHE B 239 7.97 -24.15 14.65
CA PHE B 239 6.99 -23.10 14.86
C PHE B 239 7.45 -21.83 14.14
N TYR B 240 6.50 -21.22 13.43
CA TYR B 240 6.74 -20.11 12.52
C TYR B 240 5.77 -18.98 12.84
N THR B 241 6.26 -17.73 12.84
CA THR B 241 5.38 -16.59 12.98
C THR B 241 4.48 -16.51 11.74
N HIS B 242 3.18 -16.31 11.98
CA HIS B 242 2.13 -16.19 10.97
C HIS B 242 2.18 -14.78 10.41
N VAL B 243 2.75 -14.64 9.21
CA VAL B 243 3.03 -13.33 8.63
C VAL B 243 1.72 -12.58 8.33
N PHE B 244 0.74 -13.28 7.76
CA PHE B 244 -0.53 -12.64 7.43
C PHE B 244 -1.30 -12.09 8.64
N ARG B 245 -1.32 -12.83 9.77
CA ARG B 245 -2.06 -12.39 10.95
C ARG B 245 -1.46 -11.11 11.54
N LEU B 246 -0.22 -10.78 11.15
CA LEU B 246 0.50 -9.64 11.69
C LEU B 246 0.71 -8.58 10.62
N LYS B 247 0.09 -8.74 9.45
CA LYS B 247 0.40 -7.89 8.32
C LYS B 247 0.03 -6.43 8.58
N LYS B 248 -0.97 -6.20 9.44
CA LYS B 248 -1.45 -4.86 9.74
C LYS B 248 -0.37 -4.05 10.46
N TRP B 249 0.38 -4.72 11.35
CA TRP B 249 1.51 -4.08 11.99
C TRP B 249 2.61 -3.78 10.96
N ILE B 250 2.92 -4.77 10.10
CA ILE B 250 3.92 -4.61 9.04
C ILE B 250 3.60 -3.36 8.23
N GLN B 251 2.32 -3.16 7.92
CA GLN B 251 1.88 -2.02 7.12
C GLN B 251 1.96 -0.72 7.93
N LYS B 252 1.60 -0.78 9.22
CA LYS B 252 1.65 0.41 10.07
C LYS B 252 3.08 0.97 10.10
N VAL B 253 4.05 0.08 10.29
CA VAL B 253 5.43 0.50 10.40
C VAL B 253 5.90 1.01 9.04
N ILE B 254 5.70 0.20 8.00
CA ILE B 254 6.25 0.57 6.69
C ILE B 254 5.54 1.82 6.18
N ASP B 255 4.26 1.98 6.50
CA ASP B 255 3.52 3.12 5.97
C ASP B 255 3.94 4.39 6.69
N GLN B 256 4.37 4.26 7.95
CA GLN B 256 4.90 5.41 8.66
C GLN B 256 6.33 5.69 8.20
N PHE B 257 7.06 4.61 7.85
CA PHE B 257 8.49 4.55 7.63
C PHE B 257 9.27 4.84 8.91
N GLY B 258 8.56 4.94 10.06
CA GLY B 258 9.18 5.42 11.29
C GLY B 258 8.17 5.62 12.41
N GLU C 6 -7.14 -0.85 -9.43
CA GLU C 6 -5.76 -0.58 -8.89
C GLU C 6 -4.91 0.03 -10.01
N ALA C 7 -4.35 -0.84 -10.86
CA ALA C 7 -3.30 -0.50 -11.81
C ALA C 7 -3.87 -0.03 -13.15
N ASP C 8 -5.16 0.29 -13.18
CA ASP C 8 -5.78 0.72 -14.42
C ASP C 8 -6.55 2.02 -14.18
N CYS C 9 -6.20 2.70 -13.10
CA CYS C 9 -6.79 3.98 -12.78
C CYS C 9 -6.48 4.95 -13.92
N GLY C 10 -7.34 5.97 -14.10
CA GLY C 10 -6.99 7.16 -14.83
C GLY C 10 -7.07 7.02 -16.35
N LEU C 11 -7.49 5.84 -16.81
CA LEU C 11 -7.78 5.62 -18.22
C LEU C 11 -9.31 5.55 -18.42
N ARG C 12 -9.86 6.52 -19.16
CA ARG C 12 -11.31 6.64 -19.30
C ARG C 12 -11.79 5.75 -20.43
N PRO C 13 -12.80 4.90 -20.18
CA PRO C 13 -13.32 3.98 -21.19
C PRO C 13 -13.78 4.62 -22.50
N LEU C 14 -14.41 5.81 -22.42
CA LEU C 14 -14.94 6.38 -23.65
C LEU C 14 -13.90 7.28 -24.34
N PHE C 15 -12.73 7.48 -23.72
CA PHE C 15 -11.74 8.39 -24.28
C PHE C 15 -10.41 7.71 -24.55
N GLU C 16 -9.65 7.38 -23.50
CA GLU C 16 -8.34 6.80 -23.73
C GLU C 16 -8.49 5.38 -24.26
N LYS C 17 -9.49 4.63 -23.75
CA LYS C 17 -9.63 3.22 -24.07
C LYS C 17 -10.03 3.05 -25.54
N LYS C 18 -10.43 4.17 -26.16
CA LYS C 18 -10.94 4.16 -27.53
C LYS C 18 -10.03 5.00 -28.41
N SER C 19 -8.99 5.58 -27.81
CA SER C 19 -8.09 6.50 -28.50
C SER C 19 -8.86 7.69 -29.08
N LEU C 20 -9.80 8.25 -28.31
CA LEU C 20 -10.45 9.50 -28.69
C LEU C 20 -10.02 10.57 -27.71
N GLU C 21 -9.75 11.76 -28.23
CA GLU C 21 -9.36 12.90 -27.42
C GLU C 21 -10.61 13.69 -27.02
N ASP C 22 -10.57 14.37 -25.88
CA ASP C 22 -11.74 15.12 -25.49
C ASP C 22 -11.60 16.57 -25.97
N LYS C 23 -12.63 17.36 -25.68
CA LYS C 23 -12.70 18.73 -26.19
C LYS C 23 -11.53 19.59 -25.67
N THR C 24 -11.14 19.47 -24.40
CA THR C 24 -10.30 20.52 -23.81
C THR C 24 -8.95 20.01 -23.29
N GLU C 25 -8.77 18.68 -23.24
CA GLU C 25 -7.60 18.07 -22.62
C GLU C 25 -6.29 18.57 -23.22
N ARG C 26 -6.31 18.89 -24.52
CA ARG C 26 -5.13 19.43 -25.18
C ARG C 26 -4.67 20.74 -24.51
N GLU C 27 -5.60 21.50 -23.92
CA GLU C 27 -5.27 22.70 -23.18
C GLU C 27 -4.29 22.41 -22.04
N LEU C 28 -4.53 21.27 -21.37
CA LEU C 28 -3.68 20.79 -20.29
C LEU C 28 -2.32 20.44 -20.89
N LEU C 29 -2.36 19.63 -21.96
CA LEU C 29 -1.19 19.26 -22.74
C LEU C 29 -0.34 20.50 -23.03
N GLU C 30 -0.95 21.47 -23.72
CA GLU C 30 -0.23 22.65 -24.13
C GLU C 30 0.32 23.40 -22.91
N SER C 31 -0.41 23.31 -21.78
CA SER C 31 0.00 24.05 -20.59
C SER C 31 1.36 23.57 -20.05
N TYR C 32 1.74 22.32 -20.36
CA TYR C 32 3.00 21.73 -19.91
C TYR C 32 4.20 22.23 -20.72
N ILE C 33 3.96 23.11 -21.71
CA ILE C 33 4.98 23.62 -22.62
C ILE C 33 5.26 25.10 -22.29
N ILE D 1 -19.56 25.24 -11.02
CA ILE D 1 -18.39 25.72 -11.80
C ILE D 1 -18.74 27.04 -12.48
N VAL D 2 -17.81 28.01 -12.39
CA VAL D 2 -18.01 29.32 -12.98
C VAL D 2 -17.22 29.37 -14.28
N GLU D 3 -17.90 29.68 -15.39
CA GLU D 3 -17.26 29.92 -16.68
C GLU D 3 -16.66 28.62 -17.21
N GLY D 4 -17.40 27.53 -17.00
CA GLY D 4 -16.99 26.25 -17.55
C GLY D 4 -17.90 25.86 -18.71
N SER D 5 -18.05 24.56 -18.90
CA SER D 5 -18.88 24.05 -19.97
C SER D 5 -19.29 22.64 -19.60
N ASP D 6 -20.33 22.13 -20.26
CA ASP D 6 -20.86 20.81 -20.01
C ASP D 6 -19.77 19.76 -20.27
N ALA D 7 -19.64 18.84 -19.32
CA ALA D 7 -18.83 17.65 -19.53
C ALA D 7 -19.41 16.87 -20.71
N GLU D 8 -18.52 16.28 -21.51
CA GLU D 8 -18.93 15.23 -22.45
C GLU D 8 -19.25 13.99 -21.64
N ILE D 9 -19.96 13.05 -22.24
CA ILE D 9 -20.33 11.89 -21.45
C ILE D 9 -19.10 11.01 -21.33
N GLY D 10 -18.78 10.62 -20.08
CA GLY D 10 -17.76 9.63 -19.81
C GLY D 10 -16.41 10.31 -19.56
N MET D 11 -16.46 11.65 -19.50
CA MET D 11 -15.27 12.49 -19.48
C MET D 11 -14.63 12.50 -18.09
N SER D 12 -15.47 12.33 -17.06
CA SER D 12 -14.99 12.43 -15.70
C SER D 12 -15.57 11.26 -14.92
N PRO D 13 -15.27 10.00 -15.33
CA PRO D 13 -15.93 8.84 -14.74
C PRO D 13 -15.60 8.55 -13.28
N TRP D 14 -14.73 9.38 -12.67
CA TRP D 14 -14.42 9.24 -11.26
C TRP D 14 -15.25 10.21 -10.42
N GLN D 15 -16.05 11.05 -11.08
CA GLN D 15 -16.89 12.04 -10.40
C GLN D 15 -17.91 11.34 -9.52
N VAL D 16 -18.04 11.83 -8.28
CA VAL D 16 -18.96 11.25 -7.31
C VAL D 16 -19.77 12.37 -6.66
N MET D 17 -21.06 12.10 -6.44
CA MET D 17 -21.97 13.01 -5.79
C MET D 17 -22.19 12.56 -4.36
N LEU D 18 -22.04 13.51 -3.43
CA LEU D 18 -22.27 13.18 -2.03
C LEU D 18 -23.62 13.76 -1.63
N PHE D 19 -24.55 12.86 -1.27
CA PHE D 19 -25.90 13.22 -0.88
C PHE D 19 -26.09 13.02 0.61
N ARG D 20 -26.94 13.88 1.15
CA ARG D 20 -27.46 13.67 2.52
C ARG D 20 -28.76 12.94 2.25
N LYS D 21 -29.03 11.83 2.91
CA LYS D 21 -30.23 11.02 2.58
C LYS D 21 -31.50 11.72 3.07
N SER D 22 -31.47 12.32 4.26
CA SER D 22 -32.70 12.92 4.83
C SER D 22 -32.40 14.23 5.55
N PRO D 23 -32.82 15.38 5.01
CA PRO D 23 -33.46 15.44 3.70
C PRO D 23 -32.55 15.12 2.50
N GLN D 24 -33.13 14.62 1.41
CA GLN D 24 -32.33 14.38 0.17
C GLN D 24 -31.78 15.72 -0.27
N GLU D 25 -30.47 15.81 -0.50
CA GLU D 25 -29.83 17.09 -0.77
C GLU D 25 -28.37 16.86 -1.17
N LEU D 26 -27.96 17.49 -2.28
CA LEU D 26 -26.58 17.41 -2.76
C LEU D 26 -25.66 18.24 -1.86
N LEU D 27 -24.61 17.62 -1.33
CA LEU D 27 -23.78 18.31 -0.37
C LEU D 27 -22.51 18.82 -1.04
N CYS D 28 -21.89 17.98 -1.88
CA CYS D 28 -20.51 18.19 -2.28
C CYS D 28 -20.20 17.32 -3.48
N GLY D 29 -19.03 17.57 -4.08
CA GLY D 29 -18.40 16.66 -5.03
C GLY D 29 -17.51 15.68 -4.28
N ALA D 30 -16.95 14.73 -5.03
CA ALA D 30 -16.05 13.75 -4.48
C ALA D 30 -15.50 12.93 -5.64
N SER D 31 -14.56 12.03 -5.35
CA SER D 31 -13.89 11.30 -6.41
C SER D 31 -13.74 9.83 -6.05
N LEU D 32 -13.90 8.96 -7.06
CA LEU D 32 -13.71 7.54 -6.86
C LEU D 32 -12.23 7.24 -7.04
N ILE D 33 -11.64 6.61 -6.03
CA ILE D 33 -10.22 6.34 -6.14
C ILE D 33 -9.95 4.84 -6.14
N SER D 34 -10.99 4.02 -5.88
CA SER D 34 -11.01 2.59 -6.12
C SER D 34 -12.46 2.11 -6.05
N ASP D 35 -12.68 0.81 -6.01
CA ASP D 35 -14.03 0.28 -6.10
C ASP D 35 -14.78 0.46 -4.78
N ARG D 36 -14.04 0.74 -3.69
CA ARG D 36 -14.63 0.89 -2.36
C ARG D 36 -14.26 2.22 -1.71
N TRP D 37 -13.44 3.04 -2.38
CA TRP D 37 -12.92 4.24 -1.74
C TRP D 37 -13.24 5.51 -2.54
N VAL D 38 -13.87 6.44 -1.83
CA VAL D 38 -14.19 7.73 -2.38
C VAL D 38 -13.45 8.77 -1.55
N LEU D 39 -12.91 9.78 -2.23
CA LEU D 39 -12.12 10.85 -1.64
C LEU D 39 -12.96 12.13 -1.72
N THR D 40 -13.07 12.87 -0.61
CA THR D 40 -13.80 14.13 -0.58
C THR D 40 -13.08 15.09 0.35
N ALA D 41 -13.69 16.26 0.60
CA ALA D 41 -13.16 17.26 1.52
C ALA D 41 -13.76 17.05 2.90
N ALA D 42 -12.90 17.09 3.93
CA ALA D 42 -13.36 17.05 5.32
C ALA D 42 -14.55 18.00 5.56
N HIS D 43 -14.42 19.27 5.15
CA HIS D 43 -15.42 20.29 5.48
C HIS D 43 -16.82 19.87 5.04
N CYS D 44 -16.89 18.99 4.03
CA CYS D 44 -18.16 18.46 3.57
C CYS D 44 -18.80 17.65 4.69
N LEU D 45 -18.00 16.86 5.39
CA LEU D 45 -18.57 15.94 6.36
C LEU D 45 -18.59 16.54 7.77
N LEU D 46 -17.67 17.46 8.04
CA LEU D 46 -17.51 18.01 9.38
C LEU D 46 -17.28 19.51 9.29
N TYR D 47 -18.31 20.26 9.65
CA TYR D 47 -18.14 21.68 9.91
C TYR D 47 -19.13 22.15 10.97
N PRO D 48 -18.78 22.01 12.26
CA PRO D 48 -19.70 22.32 13.36
C PRO D 48 -20.46 23.64 13.23
N PRO D 49 -19.79 24.78 12.96
CA PRO D 49 -20.48 26.07 12.90
C PRO D 49 -21.64 26.10 11.91
N TRP D 50 -21.68 25.13 10.97
CA TRP D 50 -22.76 25.08 10.00
C TRP D 50 -23.63 23.83 10.20
N ASP D 51 -23.58 23.24 11.39
CA ASP D 51 -24.40 22.08 11.70
C ASP D 51 -24.06 20.89 10.80
N LYS D 52 -22.77 20.75 10.46
CA LYS D 52 -22.36 19.61 9.65
C LYS D 52 -21.38 18.75 10.46
N ASN D 53 -21.90 17.61 10.94
CA ASN D 53 -21.15 16.51 11.53
C ASN D 53 -21.96 15.25 11.27
N PHE D 54 -21.63 14.58 10.14
CA PHE D 54 -22.41 13.48 9.60
C PHE D 54 -21.78 12.14 9.97
N THR D 55 -22.61 11.12 10.22
CA THR D 55 -22.13 9.74 10.22
C THR D 55 -22.38 9.14 8.84
N GLU D 56 -22.09 7.84 8.72
CA GLU D 56 -22.23 7.08 7.50
C GLU D 56 -23.70 6.96 7.16
N ASN D 57 -24.55 6.91 8.18
CA ASN D 57 -25.97 6.65 7.99
C ASN D 57 -26.67 7.89 7.50
N ASP D 58 -25.98 9.03 7.57
CA ASP D 58 -26.54 10.33 7.19
C ASP D 58 -26.41 10.53 5.67
N LEU D 59 -25.59 9.68 5.02
CA LEU D 59 -25.11 9.97 3.67
C LEU D 59 -25.19 8.75 2.78
N LEU D 60 -25.30 9.03 1.48
CA LEU D 60 -25.05 8.07 0.41
C LEU D 60 -24.35 8.82 -0.72
N VAL D 61 -23.82 8.05 -1.69
CA VAL D 61 -23.08 8.65 -2.78
C VAL D 61 -23.65 8.13 -4.10
N ARG D 62 -23.53 8.97 -5.15
CA ARG D 62 -24.02 8.63 -6.46
C ARG D 62 -22.89 8.80 -7.47
N ILE D 63 -22.61 7.71 -8.20
CA ILE D 63 -21.44 7.58 -9.06
C ILE D 63 -21.94 7.34 -10.49
N GLY D 64 -21.20 7.82 -11.49
CA GLY D 64 -21.53 7.59 -12.88
C GLY D 64 -22.58 8.55 -13.43
N LYS D 65 -22.88 9.61 -12.65
CA LYS D 65 -23.93 10.54 -13.02
C LYS D 65 -23.45 11.53 -14.08
N HIS D 66 -24.41 12.25 -14.67
CA HIS D 66 -24.17 13.30 -15.64
C HIS D 66 -25.13 14.46 -15.36
N SER D 67 -26.43 14.14 -15.25
CA SER D 67 -27.46 15.10 -14.88
C SER D 67 -27.44 15.37 -13.39
N ARG D 68 -27.54 16.66 -13.02
CA ARG D 68 -27.56 17.07 -11.63
C ARG D 68 -28.78 16.53 -10.90
N THR D 69 -29.92 16.41 -11.59
CA THR D 69 -31.18 16.20 -10.89
C THR D 69 -31.85 14.90 -11.30
N ARG D 70 -31.81 14.60 -12.61
CA ARG D 70 -32.48 13.48 -13.21
C ARG D 70 -31.77 12.18 -12.79
N TYR D 71 -32.55 11.10 -12.58
CA TYR D 71 -32.05 9.76 -12.30
C TYR D 71 -31.72 9.04 -13.61
N GLU D 72 -30.62 8.27 -13.61
CA GLU D 72 -30.03 7.71 -14.82
C GLU D 72 -29.86 6.20 -14.66
N ARG D 73 -30.97 5.46 -14.87
CA ARG D 73 -31.06 4.02 -14.69
C ARG D 73 -30.02 3.32 -15.56
N ASN D 74 -29.31 2.33 -14.98
CA ASN D 74 -28.30 1.49 -15.62
C ASN D 74 -27.01 2.27 -15.93
N ILE D 75 -26.97 3.52 -15.50
CA ILE D 75 -25.76 4.31 -15.59
C ILE D 75 -25.28 4.54 -14.17
N GLU D 76 -25.97 5.43 -13.44
CA GLU D 76 -25.58 5.83 -12.10
C GLU D 76 -25.80 4.70 -11.08
N LYS D 77 -24.86 4.59 -10.14
CA LYS D 77 -25.01 3.71 -9.00
C LYS D 77 -25.02 4.54 -7.73
N ILE D 78 -25.75 4.04 -6.73
CA ILE D 78 -25.79 4.62 -5.42
C ILE D 78 -25.04 3.69 -4.47
N SER D 79 -24.30 4.24 -3.50
CA SER D 79 -23.69 3.37 -2.49
C SER D 79 -23.95 3.89 -1.08
N MET D 80 -24.15 2.95 -0.15
CA MET D 80 -24.08 3.26 1.27
C MET D 80 -22.62 3.44 1.66
N LEU D 81 -22.40 4.06 2.81
CA LEU D 81 -21.05 4.20 3.34
C LEU D 81 -20.88 3.25 4.51
N GLU D 82 -19.71 2.60 4.58
CA GLU D 82 -19.38 1.77 5.72
C GLU D 82 -18.77 2.65 6.82
N LYS D 83 -17.82 3.52 6.45
CA LYS D 83 -17.09 4.29 7.45
C LYS D 83 -16.55 5.58 6.84
N ILE D 84 -16.50 6.63 7.67
CA ILE D 84 -15.99 7.95 7.32
C ILE D 84 -14.63 8.12 8.00
N TYR D 85 -13.68 8.76 7.31
CA TYR D 85 -12.42 9.07 7.96
C TYR D 85 -11.99 10.50 7.64
N ILE D 86 -11.67 11.26 8.68
CA ILE D 86 -11.21 12.63 8.52
C ILE D 86 -9.79 12.75 9.07
N HIS D 87 -8.92 13.43 8.32
CA HIS D 87 -7.53 13.58 8.72
C HIS D 87 -7.49 14.18 10.12
N PRO D 88 -6.85 13.50 11.10
CA PRO D 88 -6.94 13.93 12.50
C PRO D 88 -6.55 15.39 12.73
N ARG D 89 -5.69 15.93 11.84
CA ARG D 89 -5.12 17.27 11.98
C ARG D 89 -5.85 18.26 11.07
N TYR D 90 -7.11 17.95 10.72
CA TYR D 90 -7.93 18.83 9.93
C TYR D 90 -8.29 20.09 10.75
N ASN D 91 -8.05 21.26 10.15
CA ASN D 91 -8.35 22.51 10.82
C ASN D 91 -9.55 23.18 10.16
N TRP D 92 -10.64 23.35 10.91
CA TRP D 92 -11.83 24.02 10.41
C TRP D 92 -12.08 25.35 11.11
N ARG D 93 -11.26 25.70 12.10
CA ARG D 93 -11.49 26.91 12.84
C ARG D 93 -10.86 28.12 12.15
N GLU D 94 -9.89 27.86 11.25
CA GLU D 94 -8.95 28.91 10.85
C GLU D 94 -8.71 28.96 9.34
N ASN D 95 -8.36 27.82 8.72
CA ASN D 95 -7.69 27.92 7.44
C ASN D 95 -7.91 26.70 6.54
N LEU D 96 -8.57 25.65 7.03
CA LEU D 96 -8.90 24.48 6.21
C LEU D 96 -7.66 23.67 5.86
N ASP D 97 -6.63 23.77 6.70
CA ASP D 97 -5.46 22.92 6.53
C ASP D 97 -5.87 21.45 6.62
N ARG D 98 -5.38 20.68 5.65
CA ARG D 98 -5.61 19.24 5.59
C ARG D 98 -7.10 18.94 5.49
N ASP D 99 -7.78 19.68 4.61
CA ASP D 99 -9.18 19.45 4.26
C ASP D 99 -9.32 18.18 3.41
N ILE D 100 -9.30 17.02 4.08
CA ILE D 100 -9.31 15.74 3.38
C ILE D 100 -10.09 14.70 4.17
N ALA D 101 -10.89 13.92 3.45
CA ALA D 101 -11.57 12.82 4.09
C ALA D 101 -11.70 11.66 3.11
N LEU D 102 -11.89 10.47 3.67
CA LEU D 102 -12.03 9.25 2.92
C LEU D 102 -13.28 8.52 3.37
N MET D 103 -13.88 7.82 2.42
CA MET D 103 -15.14 7.15 2.70
C MET D 103 -15.07 5.74 2.16
N LYS D 104 -15.44 4.76 2.99
CA LYS D 104 -15.46 3.38 2.52
C LYS D 104 -16.87 3.00 2.10
N LEU D 105 -17.01 2.66 0.81
CA LEU D 105 -18.26 2.14 0.28
C LEU D 105 -18.59 0.83 0.99
N LYS D 106 -19.86 0.69 1.39
CA LYS D 106 -20.36 -0.49 2.08
C LYS D 106 -20.21 -1.71 1.20
N LYS D 107 -20.10 -1.48 -0.11
CA LYS D 107 -19.84 -2.54 -1.08
C LYS D 107 -19.28 -1.93 -2.36
N PRO D 108 -18.38 -2.67 -3.06
CA PRO D 108 -17.75 -2.17 -4.28
C PRO D 108 -18.73 -1.81 -5.40
N VAL D 109 -18.44 -0.72 -6.09
CA VAL D 109 -19.17 -0.33 -7.27
C VAL D 109 -18.57 -1.05 -8.48
N ALA D 110 -19.42 -1.43 -9.45
CA ALA D 110 -18.87 -2.05 -10.65
C ALA D 110 -18.46 -0.98 -11.67
N PHE D 111 -17.42 -1.28 -12.45
CA PHE D 111 -16.89 -0.32 -13.39
C PHE D 111 -17.64 -0.38 -14.72
N SER D 112 -17.98 0.79 -15.26
CA SER D 112 -18.68 0.86 -16.53
C SER D 112 -17.97 1.87 -17.42
N ASP D 113 -18.65 2.29 -18.49
CA ASP D 113 -18.22 3.38 -19.33
C ASP D 113 -18.28 4.71 -18.56
N TYR D 114 -19.07 4.73 -17.48
CA TYR D 114 -19.40 5.96 -16.77
C TYR D 114 -18.80 5.95 -15.36
N ILE D 115 -18.48 4.75 -14.87
CA ILE D 115 -17.84 4.61 -13.57
C ILE D 115 -16.45 3.99 -13.74
N HIS D 116 -15.43 4.75 -13.29
CA HIS D 116 -14.05 4.30 -13.35
C HIS D 116 -13.22 5.16 -12.40
N PRO D 117 -12.22 4.60 -11.69
CA PRO D 117 -11.38 5.36 -10.76
C PRO D 117 -10.33 6.22 -11.46
N VAL D 118 -9.78 7.17 -10.69
CA VAL D 118 -8.71 8.07 -11.07
C VAL D 118 -7.45 7.68 -10.27
N CYS D 119 -6.27 7.95 -10.84
CA CYS D 119 -5.01 7.61 -10.19
C CYS D 119 -4.68 8.62 -9.11
N LEU D 120 -4.03 8.13 -8.05
CA LEU D 120 -3.45 9.06 -7.10
C LEU D 120 -1.99 9.32 -7.48
N PRO D 121 -1.48 10.56 -7.36
CA PRO D 121 -0.12 10.88 -7.80
C PRO D 121 0.92 10.17 -6.95
N ASP D 122 2.04 9.81 -7.59
CA ASP D 122 3.26 9.45 -6.90
C ASP D 122 4.15 10.69 -6.79
N ARG D 123 5.36 10.51 -6.24
CA ARG D 123 6.28 11.60 -5.98
C ARG D 123 6.79 12.21 -7.28
N GLU D 124 7.01 11.39 -8.31
CA GLU D 124 7.56 11.93 -9.53
C GLU D 124 6.49 12.70 -10.30
N THR D 125 5.29 12.13 -10.36
CA THR D 125 4.13 12.73 -10.99
C THR D 125 3.81 14.07 -10.34
N ALA D 126 3.81 14.11 -9.00
CA ALA D 126 3.59 15.33 -8.25
C ALA D 126 4.62 16.40 -8.65
N ALA D 127 5.90 16.00 -8.67
CA ALA D 127 6.96 16.94 -9.00
C ALA D 127 6.87 17.40 -10.45
N SER D 128 6.46 16.49 -11.36
CA SER D 128 6.32 16.80 -12.78
C SER D 128 5.19 17.80 -13.03
N LEU D 129 4.04 17.58 -12.37
CA LEU D 129 2.79 18.20 -12.78
C LEU D 129 2.39 19.40 -11.92
N LEU D 130 2.82 19.41 -10.64
CA LEU D 130 2.48 20.54 -9.79
C LEU D 130 3.45 21.70 -10.01
N GLN D 131 3.41 22.28 -11.22
CA GLN D 131 4.18 23.47 -11.56
C GLN D 131 3.21 24.62 -11.79
N ALA D 132 3.67 25.83 -11.50
CA ALA D 132 2.86 27.01 -11.72
C ALA D 132 2.70 27.21 -13.23
N GLY D 133 1.46 27.46 -13.66
CA GLY D 133 1.21 27.74 -15.06
C GLY D 133 0.67 26.51 -15.76
N TYR D 134 0.96 25.35 -15.20
CA TYR D 134 0.39 24.08 -15.62
C TYR D 134 -1.09 24.05 -15.29
N LYS D 135 -1.89 23.57 -16.25
CA LYS D 135 -3.34 23.58 -16.11
C LYS D 135 -3.84 22.22 -15.67
N GLY D 136 -4.68 22.25 -14.61
CA GLY D 136 -5.48 21.12 -14.19
C GLY D 136 -6.95 21.35 -14.50
N ARG D 137 -7.75 20.28 -14.35
CA ARG D 137 -9.17 20.29 -14.68
C ARG D 137 -10.00 20.12 -13.41
N VAL D 138 -10.99 21.01 -13.22
CA VAL D 138 -11.91 20.91 -12.10
C VAL D 138 -13.33 20.67 -12.62
N THR D 139 -14.09 19.80 -11.93
CA THR D 139 -15.44 19.42 -12.33
C THR D 139 -16.42 19.46 -11.15
N GLY D 140 -17.70 19.65 -11.45
CA GLY D 140 -18.67 19.54 -10.39
C GLY D 140 -20.04 20.04 -10.83
N TRP D 141 -20.99 19.91 -9.90
CA TRP D 141 -22.36 20.30 -10.09
C TRP D 141 -22.64 21.58 -9.29
N GLY D 142 -21.57 22.27 -8.85
CA GLY D 142 -21.69 23.49 -8.09
C GLY D 142 -22.30 24.63 -8.91
N ASN D 143 -22.57 25.75 -8.22
CA ASN D 143 -23.19 26.92 -8.84
C ASN D 143 -22.40 27.40 -10.04
N LEU D 144 -23.07 28.14 -10.93
CA LEU D 144 -22.42 28.73 -12.09
C LEU D 144 -21.97 30.17 -11.82
N LYS D 145 -22.44 30.79 -10.73
CA LYS D 145 -21.96 32.10 -10.33
C LYS D 145 -22.04 32.22 -8.83
N GLU D 146 -21.36 33.21 -8.29
CA GLU D 146 -21.42 33.52 -6.87
C GLU D 146 -22.81 34.08 -6.53
N THR D 147 -23.41 34.86 -7.46
CA THR D 147 -24.73 35.42 -7.23
C THR D 147 -25.74 34.85 -8.26
N GLY D 155 -28.99 29.15 -11.31
CA GLY D 155 -27.61 29.17 -10.80
C GLY D 155 -26.99 27.78 -10.71
N GLN D 156 -27.82 26.73 -10.78
CA GLN D 156 -27.33 25.36 -10.70
C GLN D 156 -27.33 24.74 -12.10
N PRO D 157 -26.25 24.03 -12.48
CA PRO D 157 -26.13 23.47 -13.83
C PRO D 157 -27.07 22.28 -14.00
N SER D 158 -27.42 22.00 -15.25
CA SER D 158 -28.25 20.85 -15.61
C SER D 158 -27.38 19.61 -15.61
N VAL D 159 -26.17 19.78 -16.14
CA VAL D 159 -25.24 18.69 -16.36
C VAL D 159 -23.91 19.06 -15.69
N LEU D 160 -23.07 18.05 -15.43
CA LEU D 160 -21.75 18.24 -14.82
C LEU D 160 -21.00 19.34 -15.58
N GLN D 161 -20.39 20.26 -14.83
CA GLN D 161 -19.59 21.32 -15.43
C GLN D 161 -18.11 21.00 -15.34
N VAL D 162 -17.33 21.53 -16.29
CA VAL D 162 -15.88 21.34 -16.31
C VAL D 162 -15.16 22.63 -16.73
N VAL D 163 -14.03 22.92 -16.08
CA VAL D 163 -13.18 24.06 -16.38
C VAL D 163 -11.73 23.64 -16.16
N ASN D 164 -10.84 24.18 -17.00
CA ASN D 164 -9.42 23.97 -16.83
C ASN D 164 -8.82 25.26 -16.28
N LEU D 165 -7.93 25.13 -15.28
CA LEU D 165 -7.39 26.28 -14.59
C LEU D 165 -5.89 26.10 -14.37
N PRO D 166 -5.11 27.21 -14.42
CA PRO D 166 -3.67 27.15 -14.16
C PRO D 166 -3.31 27.22 -12.69
N ILE D 167 -2.36 26.36 -12.29
CA ILE D 167 -1.80 26.43 -10.95
C ILE D 167 -1.06 27.74 -10.81
N VAL D 168 -1.11 28.32 -9.60
CA VAL D 168 -0.55 29.64 -9.36
C VAL D 168 0.65 29.50 -8.43
N GLU D 169 1.65 30.38 -8.60
CA GLU D 169 2.85 30.45 -7.78
C GLU D 169 2.45 30.80 -6.36
N ARG D 170 3.06 30.10 -5.40
CA ARG D 170 2.72 30.23 -3.99
C ARG D 170 2.72 31.69 -3.51
N PRO D 171 3.76 32.54 -3.77
CA PRO D 171 3.70 33.93 -3.32
C PRO D 171 2.41 34.65 -3.70
N VAL D 172 1.91 34.42 -4.92
CA VAL D 172 0.66 35.01 -5.36
C VAL D 172 -0.50 34.49 -4.52
N CYS D 173 -0.58 33.17 -4.35
CA CYS D 173 -1.53 32.51 -3.47
C CYS D 173 -1.60 33.26 -2.13
N LYS D 174 -0.44 33.43 -1.44
CA LYS D 174 -0.36 34.01 -0.10
C LYS D 174 -0.91 35.43 -0.09
N ASP D 175 -0.65 36.17 -1.16
CA ASP D 175 -0.96 37.59 -1.12
C ASP D 175 -2.39 37.84 -1.53
N SER D 176 -3.11 36.78 -1.92
CA SER D 176 -4.48 36.95 -2.37
C SER D 176 -5.44 36.92 -1.18
N THR D 177 -4.94 36.51 -0.02
CA THR D 177 -5.81 36.17 1.08
C THR D 177 -5.15 36.56 2.41
N ARG D 178 -6.00 36.86 3.40
CA ARG D 178 -5.56 37.08 4.76
C ARG D 178 -5.58 35.75 5.51
N ILE D 179 -5.98 34.68 4.84
CA ILE D 179 -6.06 33.35 5.50
C ILE D 179 -4.65 32.75 5.55
N ARG D 180 -4.25 32.21 6.71
CA ARG D 180 -2.91 31.62 6.88
C ARG D 180 -2.85 30.33 6.09
N ILE D 181 -2.55 30.44 4.81
CA ILE D 181 -2.50 29.26 3.91
C ILE D 181 -1.32 28.38 4.28
N THR D 182 -1.40 27.09 3.94
CA THR D 182 -0.33 26.13 4.33
C THR D 182 0.22 25.40 3.11
N ASP D 183 1.25 24.60 3.32
CA ASP D 183 1.88 23.83 2.24
C ASP D 183 1.02 22.60 1.89
N ASN D 184 -0.09 22.41 2.60
CA ASN D 184 -0.98 21.30 2.32
C ASN D 184 -2.13 21.74 1.42
N MET D 185 -1.98 22.93 0.83
CA MET D 185 -2.92 23.46 -0.14
C MET D 185 -2.15 24.21 -1.23
N PHE D 186 -2.69 24.20 -2.45
CA PHE D 186 -2.18 25.05 -3.52
C PHE D 186 -3.34 25.86 -4.07
N CYS D 187 -3.04 26.89 -4.86
CA CYS D 187 -4.12 27.62 -5.47
C CYS D 187 -4.06 27.56 -7.00
N ALA D 188 -5.24 27.73 -7.63
CA ALA D 188 -5.39 27.68 -9.08
C ALA D 188 -6.39 28.74 -9.50
N GLY D 189 -6.29 29.16 -10.78
CA GLY D 189 -7.11 30.20 -11.37
C GLY D 189 -6.26 31.15 -12.19
N TYR D 190 -6.90 31.89 -13.11
CA TYR D 190 -6.20 32.88 -13.90
C TYR D 190 -6.02 34.14 -13.08
N LYS D 191 -4.94 34.89 -13.38
CA LYS D 191 -4.67 36.24 -12.86
C LYS D 191 -5.47 37.26 -13.67
N PRO D 192 -5.70 38.51 -13.17
CA PRO D 192 -6.53 39.48 -13.89
C PRO D 192 -5.96 39.87 -15.27
N ASP D 193 -4.64 39.74 -15.42
CA ASP D 193 -3.95 39.98 -16.67
C ASP D 193 -4.35 39.00 -17.77
N GLU D 194 -4.42 37.71 -17.42
CA GLU D 194 -4.47 36.65 -18.41
C GLU D 194 -5.78 36.66 -19.18
N GLY D 195 -6.73 37.52 -18.77
CA GLY D 195 -7.95 37.77 -19.52
C GLY D 195 -9.00 36.66 -19.41
N LYS D 196 -8.57 35.40 -19.56
CA LYS D 196 -9.43 34.25 -19.33
C LYS D 196 -9.79 34.16 -17.84
N ARG D 197 -10.72 33.26 -17.52
CA ARG D 197 -11.54 33.39 -16.32
C ARG D 197 -12.16 32.02 -16.04
N GLY D 198 -12.58 31.78 -14.79
CA GLY D 198 -13.06 30.46 -14.38
C GLY D 198 -12.69 30.11 -12.94
N ASP D 199 -13.47 29.19 -12.33
CA ASP D 199 -13.33 28.85 -10.92
C ASP D 199 -14.34 27.77 -10.52
N ALA D 200 -14.09 27.16 -9.36
CA ALA D 200 -15.09 26.37 -8.66
C ALA D 200 -16.03 27.31 -7.89
N CYS D 201 -17.10 26.75 -7.34
CA CYS D 201 -18.04 27.55 -6.55
C CYS D 201 -18.81 26.65 -5.60
N GLU D 202 -19.73 27.26 -4.84
CA GLU D 202 -20.59 26.58 -3.88
C GLU D 202 -21.17 25.33 -4.53
N GLY D 203 -20.87 24.17 -3.92
CA GLY D 203 -21.26 22.87 -4.43
C GLY D 203 -20.10 22.07 -5.02
N ASP D 204 -19.05 22.76 -5.49
CA ASP D 204 -17.98 22.05 -6.17
C ASP D 204 -17.03 21.44 -5.15
N SER D 205 -17.17 21.87 -3.89
CA SER D 205 -16.32 21.43 -2.80
C SER D 205 -16.25 19.92 -2.77
N GLY D 206 -15.02 19.39 -2.58
CA GLY D 206 -14.82 17.96 -2.39
C GLY D 206 -14.60 17.26 -3.72
N GLY D 207 -14.92 17.96 -4.82
CA GLY D 207 -14.68 17.42 -6.14
C GLY D 207 -13.19 17.35 -6.45
N PRO D 208 -12.79 16.65 -7.55
CA PRO D 208 -11.38 16.47 -7.85
C PRO D 208 -10.71 17.59 -8.67
N PHE D 209 -9.38 17.73 -8.48
CA PHE D 209 -8.56 18.54 -9.37
C PHE D 209 -7.59 17.58 -10.06
N VAL D 210 -7.79 17.36 -11.36
CA VAL D 210 -7.12 16.29 -12.05
C VAL D 210 -6.25 16.86 -13.16
N MET D 211 -5.08 16.23 -13.35
CA MET D 211 -4.19 16.52 -14.45
C MET D 211 -3.93 15.21 -15.21
N LYS D 212 -3.69 15.32 -16.52
CA LYS D 212 -3.35 14.16 -17.34
C LYS D 212 -1.84 14.19 -17.54
N SER D 213 -1.19 13.06 -17.20
CA SER D 213 0.25 12.87 -17.28
C SER D 213 0.68 12.71 -18.74
N PRO D 214 1.57 13.58 -19.28
CA PRO D 214 2.10 13.39 -20.63
C PRO D 214 3.10 12.22 -20.68
N PHE D 215 3.49 11.72 -19.51
CA PHE D 215 4.37 10.58 -19.43
C PHE D 215 3.63 9.29 -19.79
N ASN D 216 2.50 9.01 -19.14
CA ASN D 216 1.87 7.70 -19.24
C ASN D 216 0.42 7.80 -19.70
N ASN D 217 -0.08 9.02 -19.91
CA ASN D 217 -1.40 9.24 -20.48
C ASN D 217 -2.54 9.07 -19.48
N ARG D 218 -2.22 8.94 -18.17
CA ARG D 218 -3.27 8.70 -17.19
C ARG D 218 -3.70 10.01 -16.53
N TRP D 219 -4.94 10.04 -16.01
CA TRP D 219 -5.43 11.16 -15.21
C TRP D 219 -5.06 10.98 -13.74
N TYR D 220 -4.55 12.04 -13.13
CA TYR D 220 -4.14 11.99 -11.74
C TYR D 220 -4.87 13.06 -10.93
N GLN D 221 -5.24 12.73 -9.70
CA GLN D 221 -5.93 13.74 -8.92
C GLN D 221 -4.95 14.49 -8.04
N MET D 222 -4.59 15.71 -8.44
CA MET D 222 -3.61 16.48 -7.71
C MET D 222 -4.26 17.26 -6.57
N GLY D 223 -5.53 17.60 -6.69
CA GLY D 223 -6.09 18.46 -5.67
C GLY D 223 -7.51 18.05 -5.28
N ILE D 224 -7.95 18.53 -4.12
CA ILE D 224 -9.36 18.47 -3.75
C ILE D 224 -9.86 19.90 -3.60
N VAL D 225 -10.98 20.20 -4.26
CA VAL D 225 -11.57 21.53 -4.20
C VAL D 225 -11.90 21.82 -2.74
N SER D 226 -11.38 22.93 -2.21
CA SER D 226 -11.38 23.18 -0.79
C SER D 226 -12.09 24.49 -0.42
N TRP D 227 -11.55 25.61 -0.90
CA TRP D 227 -12.12 26.90 -0.46
C TRP D 227 -11.80 28.06 -1.39
N GLY D 228 -12.70 29.02 -1.44
CA GLY D 228 -12.47 30.25 -2.20
C GLY D 228 -13.19 31.37 -1.49
N GLU D 229 -12.65 32.59 -1.56
CA GLU D 229 -13.37 33.74 -0.98
C GLU D 229 -14.26 34.28 -2.10
N GLY D 230 -15.43 33.68 -2.29
CA GLY D 230 -16.30 34.04 -3.42
C GLY D 230 -16.01 33.12 -4.58
N CYS D 231 -16.51 33.44 -5.78
CA CYS D 231 -16.12 32.61 -6.89
C CYS D 231 -15.71 33.52 -8.04
N ASP D 232 -14.54 33.25 -8.62
CA ASP D 232 -14.13 33.85 -9.88
C ASP D 232 -13.94 35.36 -9.72
N ARG D 233 -13.51 35.80 -8.55
CA ARG D 233 -13.20 37.20 -8.36
C ARG D 233 -11.80 37.50 -8.91
N ASP D 234 -11.65 38.73 -9.44
CA ASP D 234 -10.37 39.29 -9.84
C ASP D 234 -9.49 39.41 -8.60
N GLY D 235 -8.25 38.89 -8.70
CA GLY D 235 -7.27 38.94 -7.62
C GLY D 235 -7.40 37.75 -6.66
N LYS D 236 -8.48 36.97 -6.83
CA LYS D 236 -8.74 35.85 -5.97
C LYS D 236 -8.55 34.55 -6.75
N TYR D 237 -8.18 33.49 -6.03
CA TYR D 237 -7.86 32.19 -6.58
C TYR D 237 -8.51 31.10 -5.72
N GLY D 238 -8.69 29.92 -6.31
CA GLY D 238 -9.32 28.83 -5.60
C GLY D 238 -8.27 28.02 -4.86
N PHE D 239 -8.67 27.33 -3.78
CA PHE D 239 -7.72 26.59 -2.96
C PHE D 239 -8.08 25.10 -2.94
N TYR D 240 -7.06 24.26 -3.11
CA TYR D 240 -7.23 22.85 -3.34
C TYR D 240 -6.36 22.08 -2.35
N THR D 241 -6.92 21.03 -1.73
CA THR D 241 -6.11 20.21 -0.84
C THR D 241 -5.07 19.44 -1.66
N HIS D 242 -3.82 19.53 -1.22
CA HIS D 242 -2.66 18.97 -1.89
C HIS D 242 -2.61 17.46 -1.61
N VAL D 243 -3.09 16.66 -2.57
CA VAL D 243 -3.31 15.23 -2.38
C VAL D 243 -2.00 14.47 -2.11
N PHE D 244 -0.93 14.78 -2.86
CA PHE D 244 0.33 14.06 -2.67
C PHE D 244 0.95 14.27 -1.28
N ARG D 245 0.89 15.51 -0.75
CA ARG D 245 1.45 15.80 0.56
C ARG D 245 0.71 15.04 1.65
N LEU D 246 -0.48 14.51 1.33
CA LEU D 246 -1.26 13.83 2.34
C LEU D 246 -1.38 12.35 2.02
N LYS D 247 -0.64 11.90 1.00
CA LYS D 247 -0.76 10.52 0.57
C LYS D 247 -0.36 9.54 1.69
N LYS D 248 0.57 9.94 2.56
CA LYS D 248 0.94 9.11 3.69
C LYS D 248 -0.30 8.71 4.49
N TRP D 249 -1.16 9.69 4.82
CA TRP D 249 -2.38 9.43 5.56
C TRP D 249 -3.34 8.55 4.77
N ILE D 250 -3.42 8.76 3.46
CA ILE D 250 -4.31 8.03 2.58
C ILE D 250 -3.93 6.56 2.55
N GLN D 251 -2.63 6.24 2.40
CA GLN D 251 -2.21 4.84 2.38
C GLN D 251 -2.46 4.24 3.76
N LYS D 252 -2.05 4.97 4.80
CA LYS D 252 -2.28 4.52 6.17
C LYS D 252 -3.74 4.07 6.29
N VAL D 253 -4.68 4.94 5.94
CA VAL D 253 -6.09 4.66 6.19
C VAL D 253 -6.54 3.43 5.39
N ILE D 254 -6.21 3.41 4.10
CA ILE D 254 -6.60 2.36 3.16
C ILE D 254 -5.98 1.01 3.54
N ASP D 255 -4.71 1.03 3.93
CA ASP D 255 -4.02 -0.16 4.41
C ASP D 255 -4.67 -0.70 5.68
N GLN D 256 -5.05 0.18 6.61
CA GLN D 256 -5.51 -0.27 7.92
C GLN D 256 -6.92 -0.84 7.84
N PHE D 257 -7.76 -0.29 6.95
CA PHE D 257 -9.19 -0.53 7.05
C PHE D 257 -9.76 -0.96 5.70
N GLY D 258 -8.87 -1.28 4.75
CA GLY D 258 -9.25 -1.74 3.43
C GLY D 258 -9.50 -3.25 3.38
C10 NWF E . 14.76 -22.10 19.32
C15 NWF E . 14.48 -18.36 23.10
C17 NWF E . 12.32 -17.59 23.78
C20 NWF E . 14.40 -19.41 23.99
C24 NWF E . 10.00 -21.45 22.68
C11 NWF E . 14.40 -20.65 18.99
C12 NWF E . 14.24 -19.89 20.29
C14 NWF E . 15.72 -18.19 22.23
C16 NWF E . 13.44 -17.45 22.99
C18 NWF E . 12.23 -18.65 24.67
C19 NWF E . 13.27 -19.55 24.77
C23 NWF E . 9.30 -20.49 23.78
C25 NWF E . 10.01 -22.97 22.80
C27 NWF E . 11.49 -21.43 22.25
C01 NWF E . 14.71 -23.30 24.40
C02 NWF E . 16.20 -23.03 24.30
C03 NWF E . 16.81 -24.12 23.46
N04 NWF E . 16.24 -24.04 22.15
C05 NWF E . 14.80 -24.17 22.02
C06 NWF E . 14.07 -23.27 23.02
C07 NWF E . 17.19 -23.84 21.05
C08 NWF E . 16.87 -23.73 19.54
N09 NWF E . 16.17 -22.46 19.28
S13 NWF E . 15.83 -19.60 21.10
C21 NWF E . 10.99 -18.81 25.54
S22 NWF E . 10.28 -20.46 25.31
N26 NWF E . 11.57 -22.79 23.01
C28 NWF E . 12.63 -23.74 23.20
O29 NWF E . 12.38 -24.84 23.51
O30 NWF E . 18.31 -23.77 21.35
O31 NWF E . 13.90 -22.85 19.58
C32 NWF E . 16.20 -25.03 19.07
N33 NWF E . 15.35 -24.97 17.91
C34 NWF E . 15.54 -24.27 16.66
C35 NWF E . 14.38 -24.48 15.69
S36 NWF E . 13.49 -23.44 14.99
C37 NWF E . 12.44 -24.23 14.16
C38 NWF E . 12.68 -25.64 14.35
C39 NWF E . 13.91 -25.80 15.33
O40 NWF E . 16.48 -23.60 16.43
CL41 NWF E . 11.14 -23.59 13.13
C10 NWF F . -15.85 27.84 0.55
C15 NWF F . -16.15 26.61 5.74
C17 NWF F . -14.21 26.57 7.12
C20 NWF F . -16.24 27.97 5.91
C24 NWF F . -11.68 29.63 4.67
C11 NWF F . -15.51 26.43 1.01
C12 NWF F . -15.49 26.38 2.53
C14 NWF F . -17.17 25.87 4.88
C16 NWF F . -15.13 25.90 6.34
C18 NWF F . -14.30 27.93 7.29
C19 NWF F . -15.33 28.63 6.70
C23 NWF F . -12.28 30.32 5.95
C25 NWF F . -11.50 30.76 3.63
C27 NWF F . -12.87 29.15 3.82
C01 NWF F . -16.32 31.52 4.14
C02 NWF F . -17.78 31.11 4.07
C03 NWF F . -18.33 31.61 2.75
N04 NWF F . -17.61 30.95 1.70
C05 NWF F . -16.19 31.18 1.62
C06 NWF F . -15.54 30.89 2.98
C07 NWF F . -18.39 30.10 0.81
C08 NWF F . -17.89 29.27 -0.39
N09 NWF F . -17.21 28.07 0.10
S13 NWF F . -17.16 26.58 3.22
C21 NWF F . -13.29 28.67 8.18
S22 NWF F . -11.82 29.22 7.31
N26 NWF F . -13.11 30.71 3.66
C28 NWF F . -14.13 31.49 3.06
O29 NWF F . -13.94 32.64 2.82
O30 NWF F . -19.54 30.03 1.03
O31 NWF F . -15.02 28.65 0.57
C32 NWF F . -17.10 30.18 -1.34
N33 NWF F . -16.16 29.52 -2.21
C34 NWF F . -16.29 28.25 -2.92
C35 NWF F . -15.06 27.91 -3.72
S36 NWF F . -14.14 26.68 -3.59
C37 NWF F . -12.99 26.85 -4.62
C38 NWF F . -13.21 28.09 -5.34
C39 NWF F . -14.52 28.77 -4.76
O40 NWF F . -17.24 27.56 -2.84
CL41 NWF F . -11.64 25.75 -4.93
#